data_2VMU
#
_entry.id   2VMU
#
_cell.length_a   61.281
_cell.length_b   106.571
_cell.length_c   57.190
_cell.angle_alpha   90.00
_cell.angle_beta   90.00
_cell.angle_gamma   90.00
#
_symmetry.space_group_name_H-M   'P 21 21 2'
#
loop_
_entity.id
_entity.type
_entity.pdbx_description
1 polymer 'SERINE HYDROXYMETHYLTRANSFERASE'
2 non-polymer GLYCINE
3 non-polymer "PYRIDOXAL-5'-PHOSPHATE"
4 non-polymer (4S)-2-METHYL-2,4-PENTANEDIOL
5 non-polymer 'PHOSPHATE ION'
6 water water
#
_entity_poly.entity_id   1
_entity_poly.type   'polypeptide(L)'
_entity_poly.pdbx_seq_one_letter_code
;MKYLPQQDPQVFAAIEQERKRQHAKIELIASENFVSRAVMEAQGSVLTNKYAEGYPGRRAYGGCEYVDIVEELARERAKQ
LFGAEHANVQPHSGAQANMAVYFTVLEHGDTVLGMNLSHGGHLTHGSPVNFSGVQYNFVAYGVDPETHVIDYDDVREKAR
LHRPKLIVAAASAYPRIIDFAKFREIADEVGAYLMVDMAHIAGLVAAGLHPNPVPYAHFVTTTTHKTLRGPRGGMILCQE
QFAKQIDKAIFPGIQGGPLMHVIAAKAVAFGEALQDDFKAYAKRVVDNAKRLASALQNEGFTLVSGGTDNHLLLVDLRPQ
QLTGKTAEKVLDEVGITVNKNTIPYDPESPFVTSGIRIGTAAVTTRGFGLEEMDEIAAIIGLVLKNVGSEQALEEARQRV
AALTD
;
_entity_poly.pdbx_strand_id   A
#
loop_
_chem_comp.id
_chem_comp.type
_chem_comp.name
_chem_comp.formula
MPD non-polymer (4S)-2-METHYL-2,4-PENTANEDIOL 'C6 H14 O2'
PLP non-polymer PYRIDOXAL-5'-PHOSPHATE 'C8 H10 N O6 P'
PO4 non-polymer 'PHOSPHATE ION' 'O4 P -3'
#
# COMPACT_ATOMS: atom_id res chain seq x y z
N MET A 1 23.94 -16.07 -2.63
CA MET A 1 24.65 -15.68 -1.38
C MET A 1 25.95 -16.45 -1.20
N LYS A 2 26.95 -15.82 -0.60
CA LYS A 2 28.24 -16.45 -0.40
C LYS A 2 28.58 -16.72 1.07
N TYR A 3 28.43 -15.70 1.90
CA TYR A 3 28.92 -15.76 3.28
C TYR A 3 27.89 -16.22 4.30
N LEU A 4 26.63 -15.83 4.08
CA LEU A 4 25.54 -16.22 4.97
C LEU A 4 25.35 -17.75 5.10
N PRO A 5 25.38 -18.51 3.98
CA PRO A 5 25.28 -19.97 4.10
C PRO A 5 26.27 -20.60 5.09
N GLN A 6 27.53 -20.17 5.03
CA GLN A 6 28.56 -20.65 5.95
C GLN A 6 28.42 -20.10 7.37
N GLN A 7 28.23 -18.79 7.50
CA GLN A 7 28.10 -18.14 8.80
C GLN A 7 26.88 -18.59 9.61
N ASP A 8 25.73 -18.70 8.94
CA ASP A 8 24.47 -18.96 9.65
C ASP A 8 23.56 -19.91 8.87
N PRO A 9 23.82 -21.22 8.96
CA PRO A 9 23.00 -22.22 8.27
C PRO A 9 21.51 -22.10 8.60
N GLN A 10 21.18 -21.87 9.88
CA GLN A 10 19.79 -21.72 10.32
C GLN A 10 19.06 -20.57 9.62
N VAL A 11 19.66 -19.38 9.63
CA VAL A 11 19.05 -18.22 8.97
C VAL A 11 18.96 -18.45 7.45
N PHE A 12 20.03 -18.95 6.86
CA PHE A 12 20.06 -19.23 5.44
C PHE A 12 18.98 -20.24 4.99
N ALA A 13 18.82 -21.33 5.74
CA ALA A 13 17.82 -22.34 5.40
C ALA A 13 16.40 -21.75 5.39
N ALA A 14 16.14 -20.88 6.36
CA ALA A 14 14.83 -20.23 6.45
C ALA A 14 14.58 -19.24 5.30
N ILE A 15 15.61 -18.46 4.95
CA ILE A 15 15.52 -17.51 3.83
C ILE A 15 15.27 -18.23 2.52
N GLU A 16 16.00 -19.33 2.30
CA GLU A 16 15.84 -20.16 1.11
C GLU A 16 14.43 -20.75 0.99
N GLN A 17 13.90 -21.27 2.10
CA GLN A 17 12.49 -21.66 2.17
C GLN A 17 11.58 -20.52 1.71
N GLU A 18 11.82 -19.32 2.25
CA GLU A 18 11.00 -18.15 1.92
C GLU A 18 11.13 -17.78 0.44
N ARG A 19 12.35 -17.81 -0.08
CA ARG A 19 12.60 -17.58 -1.50
C ARG A 19 11.80 -18.56 -2.35
N LYS A 20 11.83 -19.84 -1.98
CA LYS A 20 11.10 -20.88 -2.73
C LYS A 20 9.58 -20.75 -2.61
N ARG A 21 9.12 -20.37 -1.42
CA ARG A 21 7.71 -20.08 -1.18
C ARG A 21 7.21 -18.93 -2.07
N GLN A 22 7.98 -17.85 -2.17
CA GLN A 22 7.60 -16.70 -3.01
C GLN A 22 7.37 -17.12 -4.46
N HIS A 23 8.18 -18.04 -4.95
CA HIS A 23 8.05 -18.57 -6.31
C HIS A 23 6.87 -19.53 -6.46
N ALA A 24 6.63 -20.37 -5.45
CA ALA A 24 5.65 -21.46 -5.56
C ALA A 24 4.20 -21.00 -5.49
N LYS A 25 3.94 -19.98 -4.68
CA LYS A 25 2.58 -19.53 -4.39
C LYS A 25 2.09 -18.48 -5.39
N ILE A 26 0.77 -18.35 -5.50
CA ILE A 26 0.16 -17.23 -6.21
C ILE A 26 -0.14 -16.14 -5.19
N GLU A 27 0.70 -15.10 -5.22
CA GLU A 27 0.63 -14.03 -4.24
C GLU A 27 -0.39 -12.98 -4.67
N LEU A 28 -1.49 -12.91 -3.93
CA LEU A 28 -2.57 -11.98 -4.27
C LEU A 28 -2.84 -10.98 -3.15
N ILE A 29 -1.99 -10.97 -2.12
CA ILE A 29 -2.09 -9.92 -1.11
C ILE A 29 -1.76 -8.58 -1.77
N ALA A 30 -2.71 -7.65 -1.67
CA ALA A 30 -2.72 -6.42 -2.48
C ALA A 30 -1.55 -5.46 -2.21
N SER A 31 -0.94 -5.57 -1.03
CA SER A 31 0.15 -4.69 -0.64
C SER A 31 1.52 -5.21 -1.02
N GLU A 32 1.57 -6.39 -1.62
CA GLU A 32 2.84 -7.06 -1.83
C GLU A 32 3.36 -6.97 -3.27
N ASN A 33 4.67 -7.13 -3.41
CA ASN A 33 5.31 -7.07 -4.72
C ASN A 33 6.64 -7.80 -4.65
N PHE A 34 7.33 -7.91 -5.79
CA PHE A 34 8.69 -8.44 -5.82
C PHE A 34 9.64 -7.37 -6.33
N VAL A 35 10.64 -7.05 -5.51
CA VAL A 35 11.60 -6.01 -5.88
C VAL A 35 12.67 -6.59 -6.78
N SER A 36 13.34 -5.71 -7.52
CA SER A 36 14.41 -6.10 -8.42
C SER A 36 15.66 -6.51 -7.65
N ARG A 37 16.55 -7.23 -8.32
CA ARG A 37 17.84 -7.60 -7.74
C ARG A 37 18.71 -6.37 -7.46
N ALA A 38 18.61 -5.35 -8.32
CA ALA A 38 19.28 -4.06 -8.06
C ALA A 38 18.82 -3.42 -6.74
N VAL A 39 17.52 -3.46 -6.47
CA VAL A 39 16.97 -2.86 -5.23
C VAL A 39 17.55 -3.58 -4.01
N MET A 40 17.51 -4.91 -4.03
CA MET A 40 18.04 -5.73 -2.94
C MET A 40 19.55 -5.54 -2.73
N GLU A 41 20.32 -5.44 -3.82
CA GLU A 41 21.75 -5.16 -3.70
C GLU A 41 22.04 -3.84 -2.98
N ALA A 42 21.25 -2.82 -3.29
CA ALA A 42 21.39 -1.52 -2.63
C ALA A 42 21.13 -1.67 -1.13
N GLN A 43 20.08 -2.41 -0.77
CA GLN A 43 19.74 -2.74 0.62
C GLN A 43 20.82 -3.57 1.31
N GLY A 44 21.53 -4.38 0.54
CA GLY A 44 22.56 -5.24 1.09
C GLY A 44 23.94 -4.59 1.09
N SER A 45 24.00 -3.27 0.93
CA SER A 45 25.27 -2.53 0.79
C SER A 45 25.90 -2.09 2.12
N VAL A 46 27.11 -1.54 2.04
CA VAL A 46 27.85 -1.06 3.22
C VAL A 46 27.27 0.23 3.84
N LEU A 47 26.28 0.81 3.16
CA LEU A 47 25.59 2.02 3.65
C LEU A 47 24.88 1.84 5.00
N THR A 48 24.64 0.59 5.39
CA THR A 48 24.11 0.32 6.74
C THR A 48 25.09 0.81 7.85
N ASN A 49 26.39 0.84 7.53
CA ASN A 49 27.41 1.29 8.50
C ASN A 49 27.43 2.79 8.81
N LYS A 50 26.73 3.61 8.00
CA LYS A 50 26.84 5.06 8.15
C LYS A 50 25.72 5.73 8.97
N TYR A 51 26.12 6.40 10.05
CA TYR A 51 25.22 7.33 10.76
C TYR A 51 25.11 8.63 9.97
N ALA A 52 23.88 9.00 9.62
CA ALA A 52 23.62 10.18 8.79
C ALA A 52 22.41 10.97 9.28
N GLU A 53 22.32 11.17 10.59
CA GLU A 53 21.29 12.04 11.17
C GLU A 53 21.39 13.42 10.55
N GLY A 54 20.23 14.02 10.29
CA GLY A 54 20.18 15.31 9.62
C GLY A 54 19.80 15.07 8.17
N TYR A 55 20.14 16.05 7.32
CA TYR A 55 19.80 15.99 5.91
C TYR A 55 21.02 16.29 5.03
N PRO A 56 20.94 16.01 3.72
CA PRO A 56 22.07 16.23 2.84
C PRO A 56 22.65 17.65 2.96
N GLY A 57 23.96 17.72 3.15
CA GLY A 57 24.67 18.99 3.31
C GLY A 57 24.48 19.64 4.66
N ARG A 58 23.63 19.05 5.50
CA ARG A 58 23.31 19.60 6.83
C ARG A 58 23.20 18.45 7.85
N ARG A 59 24.21 17.59 7.86
CA ARG A 59 24.22 16.39 8.70
C ARG A 59 24.80 16.68 10.07
N ALA A 60 24.47 15.83 11.03
CA ALA A 60 25.05 15.91 12.37
C ALA A 60 26.54 15.61 12.31
N TYR A 61 26.93 14.62 11.51
CA TYR A 61 28.30 14.14 11.48
C TYR A 61 28.98 14.30 10.12
N GLY A 62 30.31 14.34 10.14
CA GLY A 62 31.11 14.40 8.92
C GLY A 62 31.07 13.10 8.13
N GLY A 63 31.75 13.11 6.97
CA GLY A 63 31.87 11.93 6.13
C GLY A 63 30.62 11.49 5.36
N CYS A 64 29.64 12.37 5.27
CA CYS A 64 28.35 12.04 4.64
C CYS A 64 28.26 12.47 3.17
N GLU A 65 29.37 12.94 2.61
CA GLU A 65 29.39 13.40 1.21
C GLU A 65 28.69 12.43 0.24
N TYR A 66 28.96 11.14 0.38
CA TYR A 66 28.46 10.16 -0.59
C TYR A 66 27.04 9.68 -0.30
N VAL A 67 26.73 9.42 0.96
CA VAL A 67 25.33 9.16 1.36
C VAL A 67 24.40 10.36 1.06
N ASP A 68 24.95 11.57 1.08
CA ASP A 68 24.22 12.79 0.67
C ASP A 68 23.81 12.71 -0.81
N ILE A 69 24.74 12.22 -1.64
CA ILE A 69 24.48 12.06 -3.07
C ILE A 69 23.34 11.04 -3.28
N VAL A 70 23.39 9.94 -2.54
CA VAL A 70 22.36 8.90 -2.59
C VAL A 70 20.99 9.46 -2.16
N GLU A 71 20.95 10.15 -1.02
CA GLU A 71 19.69 10.73 -0.55
C GLU A 71 19.11 11.76 -1.53
N GLU A 72 19.96 12.63 -2.06
CA GLU A 72 19.51 13.66 -3.03
CA GLU A 72 19.51 13.66 -3.03
C GLU A 72 18.96 13.01 -4.29
N LEU A 73 19.60 11.94 -4.75
CA LEU A 73 19.10 11.17 -5.87
C LEU A 73 17.70 10.64 -5.60
N ALA A 74 17.50 10.03 -4.43
CA ALA A 74 16.17 9.60 -4.01
C ALA A 74 15.15 10.76 -3.99
N ARG A 75 15.54 11.89 -3.40
CA ARG A 75 14.62 13.05 -3.28
C ARG A 75 14.26 13.65 -4.64
N GLU A 76 15.27 13.87 -5.49
CA GLU A 76 15.05 14.46 -6.82
C GLU A 76 14.27 13.54 -7.76
N ARG A 77 14.56 12.24 -7.69
CA ARG A 77 13.79 11.26 -8.48
C ARG A 77 12.35 11.15 -8.01
N ALA A 78 12.12 11.24 -6.70
CA ALA A 78 10.76 11.27 -6.15
C ALA A 78 9.98 12.48 -6.66
N LYS A 79 10.64 13.65 -6.69
CA LYS A 79 10.01 14.88 -7.16
C LYS A 79 9.69 14.82 -8.65
N GLN A 80 10.60 14.24 -9.43
CA GLN A 80 10.36 14.01 -10.85
C GLN A 80 9.17 13.06 -11.08
N LEU A 81 9.09 12.00 -10.26
CA LEU A 81 8.07 10.98 -10.41
C LEU A 81 6.67 11.53 -10.12
N PHE A 82 6.58 12.36 -9.08
CA PHE A 82 5.29 12.80 -8.55
C PHE A 82 4.99 14.30 -8.68
N GLY A 83 5.98 15.07 -9.12
CA GLY A 83 5.86 16.52 -9.29
C GLY A 83 5.67 17.26 -7.98
N ALA A 84 6.29 16.76 -6.91
CA ALA A 84 6.19 17.41 -5.61
C ALA A 84 7.28 18.46 -5.45
N GLU A 85 6.99 19.47 -4.64
CA GLU A 85 7.95 20.55 -4.37
C GLU A 85 9.02 20.08 -3.40
N HIS A 86 8.67 19.12 -2.55
CA HIS A 86 9.60 18.58 -1.55
C HIS A 86 9.33 17.10 -1.29
N ALA A 87 10.42 16.36 -1.05
CA ALA A 87 10.37 14.96 -0.65
C ALA A 87 11.21 14.75 0.61
N ASN A 88 10.72 13.87 1.47
CA ASN A 88 11.51 13.37 2.59
C ASN A 88 11.49 11.84 2.48
N VAL A 89 12.67 11.29 2.22
CA VAL A 89 12.80 9.87 1.91
C VAL A 89 13.30 9.06 3.12
N GLN A 90 13.34 9.72 4.30
CA GLN A 90 13.83 9.07 5.53
C GLN A 90 12.85 8.19 6.33
N PRO A 91 11.51 8.36 6.17
CA PRO A 91 10.63 7.57 7.05
C PRO A 91 10.91 6.07 6.95
N HIS A 92 11.08 5.44 8.11
CA HIS A 92 11.38 4.00 8.18
C HIS A 92 10.27 3.12 7.59
N SER A 93 9.05 3.67 7.53
CA SER A 93 7.86 2.91 7.17
C SER A 93 6.72 3.85 6.81
N GLY A 94 5.63 3.28 6.27
CA GLY A 94 4.38 4.02 6.08
C GLY A 94 3.84 4.56 7.39
N ALA A 95 3.96 3.76 8.45
CA ALA A 95 3.54 4.18 9.80
C ALA A 95 4.24 5.45 10.27
N GLN A 96 5.57 5.48 10.12
CA GLN A 96 6.38 6.63 10.54
C GLN A 96 6.19 7.86 9.65
N ALA A 97 5.92 7.66 8.37
CA ALA A 97 5.60 8.78 7.48
C ALA A 97 4.32 9.48 7.93
N ASN A 98 3.28 8.69 8.16
CA ASN A 98 2.02 9.19 8.71
C ASN A 98 2.22 9.84 10.07
N MET A 99 2.95 9.15 10.96
CA MET A 99 3.29 9.68 12.27
C MET A 99 3.91 11.08 12.23
N ALA A 100 4.87 11.26 11.33
CA ALA A 100 5.57 12.55 11.17
C ALA A 100 4.65 13.68 10.68
N VAL A 101 3.76 13.38 9.74
CA VAL A 101 2.79 14.39 9.29
C VAL A 101 1.87 14.83 10.44
N TYR A 102 1.36 13.85 11.19
CA TYR A 102 0.53 14.13 12.36
C TYR A 102 1.30 14.96 13.40
N PHE A 103 2.56 14.61 13.65
CA PHE A 103 3.45 15.36 14.55
C PHE A 103 3.65 16.81 14.08
N THR A 104 3.66 17.01 12.77
CA THR A 104 3.86 18.33 12.16
C THR A 104 2.68 19.27 12.40
N VAL A 105 1.47 18.81 12.16
CA VAL A 105 0.33 19.74 12.08
C VAL A 105 -0.66 19.68 13.25
N LEU A 106 -0.57 18.63 14.05
CA LEU A 106 -1.52 18.39 15.12
C LEU A 106 -0.88 18.46 16.49
N GLU A 107 -1.66 18.91 17.45
CA GLU A 107 -1.37 18.74 18.87
C GLU A 107 -2.18 17.56 19.38
N HIS A 108 -1.70 16.97 20.48
CA HIS A 108 -2.40 15.90 21.18
C HIS A 108 -3.87 16.26 21.40
N GLY A 109 -4.78 15.39 20.98
CA GLY A 109 -6.22 15.59 21.18
C GLY A 109 -6.96 16.30 20.05
N ASP A 110 -6.21 16.84 19.09
CA ASP A 110 -6.80 17.45 17.89
C ASP A 110 -7.69 16.46 17.14
N THR A 111 -8.72 16.98 16.49
CA THR A 111 -9.67 16.17 15.72
C THR A 111 -9.15 15.95 14.30
N VAL A 112 -9.19 14.68 13.89
CA VAL A 112 -8.79 14.27 12.54
C VAL A 112 -9.93 13.47 11.91
N LEU A 113 -10.21 13.73 10.63
CA LEU A 113 -11.23 13.00 9.88
C LEU A 113 -10.56 12.08 8.88
N GLY A 114 -10.80 10.77 9.00
CA GLY A 114 -10.25 9.79 8.06
C GLY A 114 -11.31 8.80 7.60
N MET A 115 -10.94 7.93 6.68
CA MET A 115 -11.88 6.93 6.14
C MET A 115 -12.15 5.86 7.19
N ASN A 116 -13.43 5.51 7.33
CA ASN A 116 -13.86 4.41 8.22
C ASN A 116 -12.94 3.21 8.01
N LEU A 117 -12.38 2.69 9.11
CA LEU A 117 -11.44 1.56 9.01
C LEU A 117 -12.08 0.30 8.40
N SER A 118 -13.34 0.07 8.72
CA SER A 118 -14.07 -1.08 8.15
C SER A 118 -14.59 -0.84 6.72
N HIS A 119 -14.30 0.34 6.16
CA HIS A 119 -14.72 0.67 4.78
C HIS A 119 -13.49 0.82 3.87
N GLY A 120 -12.30 0.69 4.44
CA GLY A 120 -11.07 0.77 3.65
C GLY A 120 -9.92 1.53 4.26
N GLY A 121 -10.19 2.34 5.29
CA GLY A 121 -9.16 3.11 5.97
C GLY A 121 -8.09 2.24 6.63
N HIS A 122 -6.91 2.82 6.82
CA HIS A 122 -5.78 2.13 7.47
C HIS A 122 -5.77 2.27 8.99
N LEU A 123 -5.12 1.31 9.65
CA LEU A 123 -4.84 1.32 11.09
C LEU A 123 -4.31 2.67 11.59
N THR A 124 -3.41 3.28 10.81
CA THR A 124 -2.79 4.55 11.16
C THR A 124 -3.69 5.76 10.85
N HIS A 125 -4.90 5.49 10.38
CA HIS A 125 -5.91 6.53 10.17
C HIS A 125 -6.95 6.51 11.30
N GLY A 126 -6.49 6.21 12.52
CA GLY A 126 -7.36 6.38 13.71
C GLY A 126 -7.79 5.17 14.51
N SER A 127 -7.18 4.01 14.26
CA SER A 127 -7.49 2.83 15.10
C SER A 127 -7.26 3.15 16.59
N PRO A 128 -8.23 2.78 17.45
CA PRO A 128 -8.10 3.05 18.89
C PRO A 128 -7.00 2.24 19.58
N VAL A 129 -6.42 1.26 18.88
CA VAL A 129 -5.27 0.52 19.40
C VAL A 129 -3.97 0.94 18.69
N ASN A 130 -4.06 1.96 17.85
CA ASN A 130 -2.91 2.55 17.18
C ASN A 130 -2.61 3.92 17.79
N PHE A 131 -1.35 4.38 17.69
CA PHE A 131 -0.98 5.73 18.17
C PHE A 131 -1.94 6.81 17.66
N SER A 132 -2.35 6.69 16.38
CA SER A 132 -3.22 7.68 15.75
C SER A 132 -4.52 7.90 16.54
N GLY A 133 -5.18 6.81 16.87
CA GLY A 133 -6.44 6.84 17.62
C GLY A 133 -6.29 7.19 19.08
N VAL A 134 -5.12 6.88 19.65
CA VAL A 134 -4.82 7.14 21.06
C VAL A 134 -4.39 8.60 21.26
N GLN A 135 -3.62 9.11 20.29
CA GLN A 135 -3.03 10.45 20.36
C GLN A 135 -3.95 11.58 19.89
N TYR A 136 -4.79 11.28 18.89
CA TYR A 136 -5.70 12.26 18.30
C TYR A 136 -7.15 11.77 18.31
N ASN A 137 -8.08 12.71 18.17
CA ASN A 137 -9.50 12.41 18.17
C ASN A 137 -10.01 12.13 16.76
N PHE A 138 -9.97 10.87 16.35
CA PHE A 138 -10.38 10.53 14.97
C PHE A 138 -11.88 10.37 14.81
N VAL A 139 -12.41 11.02 13.78
CA VAL A 139 -13.76 10.77 13.29
C VAL A 139 -13.67 10.18 11.89
N ALA A 140 -14.75 9.55 11.44
CA ALA A 140 -14.74 8.77 10.20
C ALA A 140 -15.85 9.13 9.23
N TYR A 141 -15.51 9.14 7.94
CA TYR A 141 -16.49 9.21 6.85
C TYR A 141 -16.62 7.83 6.22
N GLY A 142 -17.75 7.58 5.55
CA GLY A 142 -18.03 6.25 5.01
C GLY A 142 -18.24 6.21 3.51
N VAL A 143 -18.32 4.99 2.99
CA VAL A 143 -18.79 4.76 1.62
C VAL A 143 -20.32 4.55 1.60
N ASP A 144 -20.91 4.79 0.45
CA ASP A 144 -22.32 4.50 0.19
C ASP A 144 -22.59 3.01 0.37
N PRO A 145 -23.67 2.65 1.08
CA PRO A 145 -24.02 1.24 1.36
C PRO A 145 -24.30 0.40 0.11
N GLU A 146 -24.70 1.06 -0.98
CA GLU A 146 -25.04 0.38 -2.23
C GLU A 146 -23.87 0.33 -3.22
N THR A 147 -23.27 1.48 -3.49
CA THR A 147 -22.20 1.57 -4.48
C THR A 147 -20.79 1.30 -3.91
N HIS A 148 -20.67 1.41 -2.59
CA HIS A 148 -19.38 1.29 -1.88
C HIS A 148 -18.34 2.32 -2.34
N VAL A 149 -18.80 3.36 -3.01
CA VAL A 149 -17.96 4.51 -3.34
C VAL A 149 -18.04 5.53 -2.18
N ILE A 150 -16.90 6.15 -1.87
CA ILE A 150 -16.85 7.21 -0.88
C ILE A 150 -18.04 8.16 -1.05
N ASP A 151 -18.79 8.36 0.04
CA ASP A 151 -19.87 9.34 0.05
C ASP A 151 -19.26 10.71 0.36
N TYR A 152 -19.13 11.54 -0.66
CA TYR A 152 -18.46 12.83 -0.51
C TYR A 152 -19.30 13.83 0.30
N ASP A 153 -20.61 13.66 0.25
CA ASP A 153 -21.50 14.44 1.13
C ASP A 153 -21.29 14.05 2.60
N ASP A 154 -21.00 12.76 2.85
CA ASP A 154 -20.66 12.33 4.20
C ASP A 154 -19.30 12.88 4.67
N VAL A 155 -18.29 12.86 3.80
CA VAL A 155 -17.02 13.53 4.11
C VAL A 155 -17.26 14.99 4.51
N ARG A 156 -18.07 15.68 3.71
CA ARG A 156 -18.39 17.08 3.94
C ARG A 156 -19.15 17.33 5.26
N GLU A 157 -20.17 16.52 5.52
CA GLU A 157 -20.99 16.68 6.73
C GLU A 157 -20.17 16.42 8.00
N LYS A 158 -19.38 15.35 7.98
CA LYS A 158 -18.49 15.03 9.11
C LYS A 158 -17.46 16.13 9.34
N ALA A 159 -16.92 16.70 8.26
CA ALA A 159 -15.96 17.79 8.37
C ALA A 159 -16.60 19.05 8.96
N ARG A 160 -17.81 19.36 8.52
CA ARG A 160 -18.48 20.58 8.97
C ARG A 160 -18.99 20.44 10.41
N LEU A 161 -19.39 19.23 10.79
CA LEU A 161 -19.81 18.92 12.16
C LEU A 161 -18.65 18.91 13.15
N HIS A 162 -17.62 18.13 12.82
CA HIS A 162 -16.52 17.84 13.77
C HIS A 162 -15.36 18.82 13.71
N ARG A 163 -15.32 19.63 12.65
CA ARG A 163 -14.29 20.65 12.45
C ARG A 163 -12.87 20.11 12.65
N PRO A 164 -12.49 19.10 11.86
CA PRO A 164 -11.16 18.50 11.99
C PRO A 164 -10.09 19.53 11.63
N LYS A 165 -8.93 19.41 12.26
CA LYS A 165 -7.76 20.20 11.90
C LYS A 165 -7.10 19.57 10.66
N LEU A 166 -7.32 18.27 10.48
CA LEU A 166 -6.72 17.52 9.37
C LEU A 166 -7.74 16.54 8.80
N ILE A 167 -7.82 16.46 7.47
CA ILE A 167 -8.58 15.42 6.79
C ILE A 167 -7.60 14.45 6.10
N VAL A 168 -7.80 13.15 6.31
CA VAL A 168 -6.98 12.12 5.67
C VAL A 168 -7.82 11.40 4.60
N ALA A 169 -7.26 11.32 3.40
CA ALA A 169 -7.84 10.53 2.34
C ALA A 169 -6.86 9.47 1.90
N ALA A 170 -7.41 8.35 1.44
CA ALA A 170 -6.69 7.19 0.91
C ALA A 170 -6.85 5.99 1.84
N ALA A 171 -6.46 4.81 1.37
CA ALA A 171 -6.99 3.58 1.90
C ALA A 171 -6.10 2.38 1.68
N SER A 172 -6.37 1.32 2.45
CA SER A 172 -5.70 0.03 2.29
CA SER A 172 -5.70 0.04 2.28
C SER A 172 -6.56 -0.95 1.50
N ALA A 173 -7.86 -0.69 1.42
CA ALA A 173 -8.78 -1.60 0.72
C ALA A 173 -9.93 -0.90 -0.02
N TYR A 174 -9.60 0.16 -0.74
CA TYR A 174 -10.59 0.87 -1.56
C TYR A 174 -10.28 0.66 -3.04
N PRO A 175 -11.15 -0.08 -3.77
CA PRO A 175 -10.94 -0.45 -5.17
C PRO A 175 -11.31 0.60 -6.23
N ARG A 176 -11.70 1.81 -5.84
CA ARG A 176 -12.05 2.84 -6.82
C ARG A 176 -11.15 4.06 -6.72
N ILE A 177 -11.16 4.89 -7.76
CA ILE A 177 -10.37 6.10 -7.80
C ILE A 177 -10.91 7.06 -6.73
N ILE A 178 -10.00 7.69 -5.99
CA ILE A 178 -10.39 8.68 -4.98
C ILE A 178 -10.37 10.07 -5.62
N ASP A 179 -11.40 10.87 -5.33
CA ASP A 179 -11.48 12.24 -5.88
C ASP A 179 -10.81 13.24 -4.94
N PHE A 180 -9.52 13.48 -5.18
CA PHE A 180 -8.72 14.37 -4.33
C PHE A 180 -9.14 15.84 -4.40
N ALA A 181 -9.66 16.25 -5.57
CA ALA A 181 -10.17 17.60 -5.77
C ALA A 181 -11.32 17.89 -4.81
N LYS A 182 -12.21 16.91 -4.65
CA LYS A 182 -13.36 17.04 -3.76
C LYS A 182 -12.92 17.07 -2.30
N PHE A 183 -11.93 16.24 -1.96
CA PHE A 183 -11.35 16.27 -0.61
C PHE A 183 -10.75 17.63 -0.27
N ARG A 184 -10.01 18.21 -1.20
CA ARG A 184 -9.43 19.54 -1.00
C ARG A 184 -10.50 20.63 -0.88
N GLU A 185 -11.53 20.55 -1.72
CA GLU A 185 -12.67 21.47 -1.63
C GLU A 185 -13.32 21.46 -0.25
N ILE A 186 -13.54 20.26 0.29
CA ILE A 186 -14.09 20.08 1.63
C ILE A 186 -13.11 20.60 2.70
N ALA A 187 -11.83 20.24 2.57
CA ALA A 187 -10.77 20.74 3.44
C ALA A 187 -10.74 22.27 3.52
N ASP A 188 -10.84 22.90 2.34
CA ASP A 188 -10.83 24.35 2.21
C ASP A 188 -12.07 24.96 2.87
N GLU A 189 -13.21 24.26 2.75
CA GLU A 189 -14.46 24.77 3.33
C GLU A 189 -14.39 24.89 4.85
N VAL A 190 -13.76 23.91 5.49
CA VAL A 190 -13.67 23.85 6.95
C VAL A 190 -12.34 24.35 7.53
N GLY A 191 -11.43 24.78 6.67
CA GLY A 191 -10.11 25.27 7.09
C GLY A 191 -9.20 24.18 7.65
N ALA A 192 -9.25 23.00 7.02
CA ALA A 192 -8.43 21.86 7.45
C ALA A 192 -7.33 21.58 6.43
N TYR A 193 -6.19 21.09 6.92
CA TYR A 193 -5.16 20.54 6.04
C TYR A 193 -5.71 19.27 5.41
N LEU A 194 -5.20 18.91 4.23
CA LEU A 194 -5.53 17.64 3.62
C LEU A 194 -4.26 16.81 3.46
N MET A 195 -4.26 15.61 4.05
CA MET A 195 -3.21 14.61 3.88
C MET A 195 -3.73 13.46 3.03
N VAL A 196 -2.96 13.05 2.02
CA VAL A 196 -3.33 11.87 1.23
C VAL A 196 -2.28 10.77 1.44
N ASP A 197 -2.75 9.62 1.92
CA ASP A 197 -1.92 8.45 2.11
C ASP A 197 -2.07 7.56 0.87
N MET A 198 -1.17 7.72 -0.09
CA MET A 198 -1.27 7.02 -1.34
C MET A 198 -0.52 5.68 -1.38
N ALA A 199 -0.20 5.12 -0.22
CA ALA A 199 0.63 3.92 -0.11
C ALA A 199 0.29 2.85 -1.15
N HIS A 200 -0.99 2.45 -1.21
CA HIS A 200 -1.40 1.39 -2.11
C HIS A 200 -1.29 1.72 -3.58
N ILE A 201 -1.55 2.99 -3.91
CA ILE A 201 -1.73 3.41 -5.30
C ILE A 201 -0.54 4.19 -5.86
N ALA A 202 0.52 4.34 -5.08
CA ALA A 202 1.64 5.20 -5.46
C ALA A 202 2.28 4.83 -6.81
N GLY A 203 2.42 3.53 -7.08
CA GLY A 203 2.93 3.07 -8.38
C GLY A 203 2.00 3.46 -9.53
N LEU A 204 0.69 3.35 -9.31
CA LEU A 204 -0.33 3.74 -10.30
C LEU A 204 -0.28 5.26 -10.57
N VAL A 205 -0.14 6.04 -9.50
CA VAL A 205 0.03 7.49 -9.62
C VAL A 205 1.28 7.85 -10.45
N ALA A 206 2.42 7.24 -10.12
CA ALA A 206 3.67 7.46 -10.87
C ALA A 206 3.50 7.19 -12.36
N ALA A 207 2.70 6.18 -12.69
CA ALA A 207 2.48 5.78 -14.08
C ALA A 207 1.34 6.52 -14.78
N GLY A 208 0.73 7.48 -14.09
CA GLY A 208 -0.40 8.24 -14.63
C GLY A 208 -1.68 7.45 -14.79
N LEU A 209 -1.86 6.41 -13.98
CA LEU A 209 -3.05 5.57 -14.08
C LEU A 209 -4.03 5.82 -12.92
N HIS A 210 -3.63 6.66 -11.97
CA HIS A 210 -4.52 7.16 -10.94
C HIS A 210 -4.24 8.66 -10.83
N PRO A 211 -5.28 9.49 -10.63
CA PRO A 211 -5.02 10.91 -10.43
C PRO A 211 -4.02 11.19 -9.30
N ASN A 212 -3.15 12.16 -9.52
CA ASN A 212 -2.07 12.51 -8.59
C ASN A 212 -2.64 13.38 -7.47
N PRO A 213 -2.49 12.96 -6.19
CA PRO A 213 -2.92 13.78 -5.05
C PRO A 213 -2.05 15.02 -4.80
N VAL A 214 -0.82 15.00 -5.30
CA VAL A 214 0.17 16.06 -4.99
C VAL A 214 -0.35 17.50 -5.21
N PRO A 215 -0.99 17.78 -6.38
CA PRO A 215 -1.55 19.14 -6.57
C PRO A 215 -2.64 19.55 -5.60
N TYR A 216 -3.29 18.59 -4.94
CA TYR A 216 -4.45 18.89 -4.10
C TYR A 216 -4.17 18.79 -2.61
N ALA A 217 -3.16 18.00 -2.24
CA ALA A 217 -2.85 17.75 -0.82
C ALA A 217 -1.73 18.62 -0.30
N HIS A 218 -1.86 19.06 0.95
CA HIS A 218 -0.74 19.72 1.66
C HIS A 218 0.36 18.70 1.92
N PHE A 219 -0.04 17.49 2.30
CA PHE A 219 0.92 16.40 2.54
C PHE A 219 0.48 15.13 1.84
N VAL A 220 1.43 14.46 1.20
CA VAL A 220 1.18 13.15 0.63
C VAL A 220 2.15 12.19 1.30
N THR A 221 1.61 11.15 1.91
CA THR A 221 2.42 10.09 2.49
C THR A 221 2.27 8.82 1.66
N THR A 222 3.30 7.98 1.73
CA THR A 222 3.31 6.73 0.99
C THR A 222 4.35 5.75 1.54
N THR A 223 4.11 4.47 1.29
CA THR A 223 5.14 3.45 1.42
C THR A 223 5.92 3.42 0.10
N THR A 224 7.12 2.87 0.13
CA THR A 224 7.86 2.65 -1.12
C THR A 224 7.71 1.22 -1.67
N HIS A 225 7.06 0.34 -0.91
CA HIS A 225 7.02 -1.12 -1.16
C HIS A 225 5.76 -1.78 -1.76
N LYS A 226 4.74 -1.01 -2.07
CA LYS A 226 3.52 -1.63 -2.58
N THR A 227 2.57 -0.84 -4.74
CA THR A 227 2.56 -0.72 -6.20
C THR A 227 3.79 -0.01 -6.79
N LEU A 228 4.47 0.80 -5.96
CA LEU A 228 5.71 1.47 -6.37
C LEU A 228 6.88 0.49 -6.51
N ARG A 229 6.71 -0.72 -5.98
CA ARG A 229 7.65 -1.84 -6.17
C ARG A 229 9.07 -1.52 -5.67
N GLY A 230 9.14 -0.77 -4.57
CA GLY A 230 10.40 -0.44 -3.96
C GLY A 230 10.69 -1.27 -2.72
N PRO A 231 11.74 -0.89 -1.99
CA PRO A 231 12.11 -1.52 -0.73
C PRO A 231 11.08 -1.14 0.32
N ARG A 232 11.06 -1.86 1.43
CA ARG A 232 10.15 -1.55 2.52
C ARG A 232 10.55 -0.26 3.26
N GLY A 233 9.66 0.72 3.24
CA GLY A 233 9.90 2.02 3.88
C GLY A 233 8.82 3.04 3.55
N GLY A 234 9.01 4.25 4.05
CA GLY A 234 8.05 5.33 3.81
C GLY A 234 8.67 6.56 3.15
N MET A 235 7.78 7.47 2.73
CA MET A 235 8.18 8.74 2.15
C MET A 235 7.08 9.76 2.37
N ILE A 236 7.47 11.02 2.52
CA ILE A 236 6.52 12.14 2.62
C ILE A 236 6.80 13.12 1.49
N LEU A 237 5.73 13.57 0.82
CA LEU A 237 5.81 14.62 -0.17
C LEU A 237 4.97 15.79 0.30
N CYS A 238 5.40 17.02 -0.01
CA CYS A 238 4.69 18.22 0.45
C CYS A 238 5.11 19.48 -0.31
N GLN A 239 4.38 20.57 -0.14
CA GLN A 239 4.81 21.83 -0.75
C GLN A 239 5.96 22.43 0.04
N GLU A 240 6.73 23.28 -0.64
CA GLU A 240 7.93 23.88 -0.07
C GLU A 240 7.64 24.59 1.25
N GLN A 241 6.44 25.15 1.39
CA GLN A 241 6.05 25.86 2.62
C GLN A 241 6.04 24.99 3.89
N PHE A 242 5.88 23.67 3.74
CA PHE A 242 5.94 22.74 4.88
C PHE A 242 7.22 21.90 4.95
N ALA A 243 8.13 22.11 3.99
CA ALA A 243 9.37 21.32 3.89
C ALA A 243 10.21 21.32 5.17
N LYS A 244 10.46 22.50 5.72
CA LYS A 244 11.26 22.66 6.92
C LYS A 244 10.63 21.95 8.12
N GLN A 245 9.32 22.15 8.28
CA GLN A 245 8.56 21.52 9.36
C GLN A 245 8.50 19.98 9.22
N ILE A 246 8.25 19.49 8.01
CA ILE A 246 8.21 18.04 7.76
C ILE A 246 9.57 17.39 8.05
N ASP A 247 10.64 18.02 7.58
CA ASP A 247 11.99 17.51 7.81
C ASP A 247 12.31 17.44 9.31
N LYS A 248 11.92 18.48 10.05
CA LYS A 248 12.10 18.51 11.51
C LYS A 248 11.23 17.50 12.26
N ALA A 249 10.04 17.22 11.72
CA ALA A 249 9.18 16.16 12.28
C ALA A 249 9.85 14.79 12.19
N ILE A 250 10.49 14.50 11.06
CA ILE A 250 11.19 13.23 10.88
C ILE A 250 12.43 13.15 11.77
N PHE A 251 13.24 14.21 11.74
CA PHE A 251 14.43 14.35 12.59
C PHE A 251 14.69 15.83 12.92
N PRO A 252 14.81 16.17 14.22
CA PRO A 252 14.89 15.30 15.40
C PRO A 252 13.55 14.85 16.01
N GLY A 253 12.44 15.01 15.27
CA GLY A 253 11.10 14.74 15.81
C GLY A 253 10.80 13.31 16.24
N ILE A 254 10.72 12.39 15.28
CA ILE A 254 10.25 11.04 15.57
C ILE A 254 11.24 9.90 15.26
N GLN A 255 12.27 10.21 14.48
CA GLN A 255 13.33 9.23 14.17
C GLN A 255 14.72 9.74 14.59
N GLY A 256 15.72 8.88 14.47
CA GLY A 256 17.11 9.26 14.67
C GLY A 256 17.83 9.07 13.33
N GLY A 257 18.82 8.19 13.32
CA GLY A 257 19.55 7.87 12.09
C GLY A 257 18.65 7.22 11.04
N PRO A 258 18.72 7.69 9.77
CA PRO A 258 17.98 7.07 8.68
C PRO A 258 18.68 5.79 8.22
N LEU A 259 17.95 4.93 7.51
CA LEU A 259 18.57 3.74 6.93
C LEU A 259 19.09 4.08 5.55
N MET A 260 20.37 4.45 5.47
CA MET A 260 20.93 4.95 4.20
C MET A 260 20.94 3.90 3.09
N HIS A 261 21.14 2.64 3.47
CA HIS A 261 21.07 1.51 2.53
C HIS A 261 19.66 1.35 1.95
N VAL A 262 18.64 1.56 2.78
CA VAL A 262 17.26 1.46 2.30
C VAL A 262 16.97 2.68 1.42
N ILE A 263 17.50 3.85 1.82
CA ILE A 263 17.35 5.07 1.01
C ILE A 263 18.00 4.89 -0.38
N ALA A 264 19.16 4.25 -0.42
CA ALA A 264 19.77 3.85 -1.69
C ALA A 264 18.81 2.99 -2.54
N ALA A 265 18.21 1.99 -1.91
CA ALA A 265 17.21 1.12 -2.53
C ALA A 265 15.98 1.90 -2.99
N LYS A 266 15.55 2.90 -2.22
CA LYS A 266 14.48 3.78 -2.66
C LYS A 266 14.84 4.52 -3.97
N ALA A 267 16.06 5.07 -4.02
CA ALA A 267 16.55 5.77 -5.21
C ALA A 267 16.49 4.86 -6.44
N VAL A 268 16.95 3.62 -6.25
CA VAL A 268 16.93 2.62 -7.31
C VAL A 268 15.49 2.35 -7.78
N ALA A 269 14.57 2.18 -6.83
CA ALA A 269 13.16 1.93 -7.16
C ALA A 269 12.52 3.11 -7.89
N PHE A 270 12.82 4.33 -7.45
CA PHE A 270 12.38 5.54 -8.15
C PHE A 270 12.95 5.61 -9.57
N GLY A 271 14.23 5.26 -9.72
CA GLY A 271 14.84 5.19 -11.05
C GLY A 271 14.07 4.25 -11.97
N GLU A 272 13.75 3.07 -11.44
CA GLU A 272 12.99 2.06 -12.17
C GLU A 272 11.61 2.56 -12.56
N ALA A 273 10.95 3.25 -11.63
CA ALA A 273 9.61 3.78 -11.84
C ALA A 273 9.58 4.90 -12.90
N LEU A 274 10.71 5.58 -13.07
CA LEU A 274 10.84 6.67 -14.05
C LEU A 274 10.91 6.17 -15.50
N GLN A 275 11.27 4.89 -15.66
CA GLN A 275 11.42 4.28 -16.99
C GLN A 275 10.08 3.96 -17.65
N ASP A 276 10.09 3.96 -18.99
CA ASP A 276 8.89 3.62 -19.77
C ASP A 276 8.31 2.26 -19.44
N ASP A 277 9.16 1.27 -19.18
CA ASP A 277 8.65 -0.07 -18.94
C ASP A 277 7.92 -0.24 -17.61
N PHE A 278 8.19 0.62 -16.64
CA PHE A 278 7.38 0.64 -15.42
C PHE A 278 5.95 1.11 -15.69
N LYS A 279 5.81 2.11 -16.57
CA LYS A 279 4.48 2.58 -17.00
C LYS A 279 3.68 1.46 -17.66
N ALA A 280 4.34 0.67 -18.49
CA ALA A 280 3.70 -0.48 -19.13
C ALA A 280 3.31 -1.52 -18.08
N TYR A 281 4.22 -1.80 -17.15
CA TYR A 281 3.97 -2.71 -16.05
C TYR A 281 2.72 -2.29 -15.27
N ALA A 282 2.67 -1.02 -14.88
CA ALA A 282 1.56 -0.49 -14.09
C ALA A 282 0.22 -0.59 -14.83
N LYS A 283 0.25 -0.41 -16.15
CA LYS A 283 -0.98 -0.55 -16.95
C LYS A 283 -1.44 -2.00 -16.96
N ARG A 284 -0.50 -2.94 -17.05
CA ARG A 284 -0.82 -4.36 -16.94
C ARG A 284 -1.39 -4.69 -15.56
N VAL A 285 -0.88 -4.05 -14.51
CA VAL A 285 -1.43 -4.26 -13.17
C VAL A 285 -2.93 -3.95 -13.14
N VAL A 286 -3.30 -2.77 -13.66
CA VAL A 286 -4.68 -2.29 -13.65
C VAL A 286 -5.56 -3.10 -14.60
N ASP A 287 -5.01 -3.38 -15.80
CA ASP A 287 -5.66 -4.25 -16.80
C ASP A 287 -5.93 -5.64 -16.23
N ASN A 288 -4.94 -6.20 -15.53
CA ASN A 288 -5.05 -7.52 -14.89
C ASN A 288 -6.11 -7.52 -13.78
N ALA A 289 -6.16 -6.45 -12.99
CA ALA A 289 -7.16 -6.32 -11.92
C ALA A 289 -8.58 -6.27 -12.49
N LYS A 290 -8.76 -5.48 -13.54
CA LYS A 290 -10.04 -5.38 -14.25
C LYS A 290 -10.47 -6.72 -14.80
N ARG A 291 -9.53 -7.40 -15.44
CA ARG A 291 -9.78 -8.70 -16.03
C ARG A 291 -10.12 -9.73 -14.95
N LEU A 292 -9.35 -9.72 -13.86
CA LEU A 292 -9.57 -10.65 -12.76
C LEU A 292 -10.92 -10.42 -12.09
N ALA A 293 -11.27 -9.14 -11.91
CA ALA A 293 -12.58 -8.74 -11.38
C ALA A 293 -13.73 -9.29 -12.24
N SER A 294 -13.63 -9.05 -13.55
CA SER A 294 -14.62 -9.53 -14.52
CA SER A 294 -14.63 -9.54 -14.51
C SER A 294 -14.73 -11.06 -14.52
N ALA A 295 -13.57 -11.73 -14.48
CA ALA A 295 -13.54 -13.19 -14.45
C ALA A 295 -14.14 -13.75 -13.17
N LEU A 296 -13.86 -13.10 -12.04
CA LEU A 296 -14.52 -13.48 -10.77
C LEU A 296 -16.04 -13.34 -10.83
N GLN A 297 -16.52 -12.22 -11.40
CA GLN A 297 -17.96 -12.02 -11.61
C GLN A 297 -18.55 -13.09 -12.52
N ASN A 298 -17.79 -13.48 -13.55
CA ASN A 298 -18.19 -14.60 -14.41
C ASN A 298 -18.37 -15.91 -13.63
N GLU A 299 -17.54 -16.10 -12.60
CA GLU A 299 -17.62 -17.28 -11.73
C GLU A 299 -18.78 -17.20 -10.74
N GLY A 300 -19.43 -16.04 -10.67
CA GLY A 300 -20.58 -15.82 -9.79
C GLY A 300 -20.30 -15.04 -8.52
N PHE A 301 -19.10 -14.46 -8.40
CA PHE A 301 -18.75 -13.70 -7.21
C PHE A 301 -19.25 -12.25 -7.26
N THR A 302 -19.69 -11.75 -6.11
CA THR A 302 -19.98 -10.34 -5.93
C THR A 302 -18.72 -9.60 -5.45
N LEU A 303 -18.44 -8.47 -6.09
CA LEU A 303 -17.32 -7.62 -5.69
C LEU A 303 -17.82 -6.33 -5.06
N VAL A 304 -17.11 -5.86 -4.04
CA VAL A 304 -17.38 -4.58 -3.41
C VAL A 304 -17.18 -3.48 -4.48
N SER A 305 -18.16 -2.57 -4.57
CA SER A 305 -18.21 -1.50 -5.59
C SER A 305 -18.54 -1.95 -7.02
N GLY A 306 -18.76 -3.26 -7.20
CA GLY A 306 -19.04 -3.84 -8.51
C GLY A 306 -17.85 -3.98 -9.44
N GLY A 307 -16.63 -3.83 -8.90
CA GLY A 307 -15.40 -3.94 -9.70
C GLY A 307 -14.21 -3.19 -9.12
N THR A 308 -13.35 -2.68 -10.00
CA THR A 308 -12.12 -1.97 -9.58
C THR A 308 -11.67 -0.92 -10.61
N ASP A 309 -11.09 0.17 -10.11
CA ASP A 309 -10.40 1.18 -10.93
C ASP A 309 -8.89 1.08 -10.75
N ASN A 310 -8.44 0.20 -9.84
CA ASN A 310 -7.01 0.16 -9.52
C ASN A 310 -6.39 -1.26 -9.55
N HIS A 311 -5.50 -1.52 -8.60
CA HIS A 311 -4.75 -2.78 -8.51
C HIS A 311 -5.51 -3.80 -7.70
N LEU A 312 -6.53 -3.37 -6.95
CA LEU A 312 -7.14 -4.24 -5.96
C LEU A 312 -8.66 -4.42 -6.06
N LEU A 313 -9.14 -5.55 -5.55
CA LEU A 313 -10.56 -5.82 -5.54
C LEU A 313 -10.93 -6.48 -4.22
N LEU A 314 -12.19 -6.40 -3.84
CA LEU A 314 -12.69 -7.05 -2.64
C LEU A 314 -13.86 -7.94 -2.99
N VAL A 315 -13.75 -9.23 -2.68
CA VAL A 315 -14.88 -10.16 -2.85
C VAL A 315 -15.76 -10.11 -1.61
N ASP A 316 -17.05 -9.82 -1.82
CA ASP A 316 -18.08 -9.92 -0.79
C ASP A 316 -18.59 -11.37 -0.84
N LEU A 317 -18.20 -12.15 0.17
CA LEU A 317 -18.48 -13.59 0.20
C LEU A 317 -19.84 -13.99 0.77
N ARG A 318 -20.62 -12.99 1.20
CA ARG A 318 -21.94 -13.23 1.78
C ARG A 318 -22.88 -14.10 0.89
N PRO A 319 -22.93 -13.86 -0.45
CA PRO A 319 -23.76 -14.73 -1.30
C PRO A 319 -23.42 -16.21 -1.24
N GLN A 320 -22.16 -16.54 -0.95
CA GLN A 320 -21.69 -17.93 -0.86
C GLN A 320 -21.80 -18.46 0.56
N GLN A 321 -22.27 -17.60 1.47
CA GLN A 321 -22.37 -17.93 2.90
C GLN A 321 -21.03 -18.34 3.49
N LEU A 322 -19.96 -17.66 3.05
CA LEU A 322 -18.61 -17.88 3.56
C LEU A 322 -18.09 -16.62 4.24
N THR A 323 -17.26 -16.82 5.26
CA THR A 323 -16.54 -15.73 5.88
C THR A 323 -15.21 -15.55 5.17
N GLY A 324 -14.60 -14.37 5.31
CA GLY A 324 -13.27 -14.13 4.74
C GLY A 324 -12.23 -15.06 5.34
N LYS A 325 -12.40 -15.33 6.63
CA LYS A 325 -11.52 -16.23 7.39
C LYS A 325 -11.52 -17.63 6.79
N THR A 326 -12.71 -18.16 6.49
CA THR A 326 -12.83 -19.49 5.88
C THR A 326 -12.19 -19.52 4.48
N ALA A 327 -12.49 -18.50 3.68
CA ALA A 327 -11.95 -18.39 2.33
C ALA A 327 -10.43 -18.32 2.34
N GLU A 328 -9.88 -17.45 3.19
CA GLU A 328 -8.43 -17.31 3.35
C GLU A 328 -7.75 -18.64 3.65
N LYS A 329 -8.32 -19.39 4.60
CA LYS A 329 -7.80 -20.67 5.05
C LYS A 329 -7.76 -21.70 3.92
N VAL A 330 -8.88 -21.90 3.24
CA VAL A 330 -8.96 -22.89 2.17
C VAL A 330 -8.07 -22.54 0.96
N LEU A 331 -8.01 -21.26 0.61
CA LEU A 331 -7.13 -20.80 -0.47
C LEU A 331 -5.67 -21.06 -0.11
N ASP A 332 -5.30 -20.82 1.15
CA ASP A 332 -3.97 -21.18 1.67
C ASP A 332 -3.63 -22.65 1.44
N GLU A 333 -4.62 -23.53 1.57
CA GLU A 333 -4.44 -24.98 1.36
C GLU A 333 -4.02 -25.34 -0.08
N VAL A 334 -4.39 -24.51 -1.04
CA VAL A 334 -4.10 -24.80 -2.45
C VAL A 334 -2.97 -23.94 -3.04
N GLY A 335 -2.41 -23.03 -2.24
CA GLY A 335 -1.25 -22.23 -2.66
C GLY A 335 -1.58 -20.85 -3.21
N ILE A 336 -2.77 -20.34 -2.85
CA ILE A 336 -3.18 -18.98 -3.19
C ILE A 336 -3.24 -18.15 -1.91
N THR A 337 -2.49 -17.05 -1.91
CA THR A 337 -2.31 -16.17 -0.77
C THR A 337 -3.24 -14.97 -0.93
N VAL A 338 -4.26 -14.89 -0.08
CA VAL A 338 -5.10 -13.70 0.00
C VAL A 338 -5.15 -13.28 1.47
N ASN A 339 -5.80 -12.17 1.76
CA ASN A 339 -6.17 -11.93 3.14
C ASN A 339 -7.65 -11.64 3.32
N LYS A 340 -8.22 -12.22 4.38
CA LYS A 340 -9.54 -11.81 4.85
C LYS A 340 -9.50 -10.30 5.03
N ASN A 341 -10.62 -9.65 4.73
CA ASN A 341 -10.72 -8.20 4.79
C ASN A 341 -12.16 -7.83 5.03
N THR A 342 -12.39 -6.95 6.00
CA THR A 342 -13.74 -6.42 6.24
CA THR A 342 -13.73 -6.42 6.25
C THR A 342 -14.27 -5.76 4.98
N ILE A 343 -15.55 -5.93 4.73
CA ILE A 343 -16.21 -5.23 3.64
C ILE A 343 -17.03 -4.10 4.29
N PRO A 344 -17.39 -3.05 3.53
CA PRO A 344 -18.19 -1.98 4.15
C PRO A 344 -19.50 -2.52 4.73
N TYR A 345 -19.86 -2.08 5.93
CA TYR A 345 -21.07 -2.54 6.62
C TYR A 345 -21.04 -4.06 6.90
N ASP A 346 -19.84 -4.56 7.17
CA ASP A 346 -19.61 -5.99 7.41
C ASP A 346 -20.34 -6.42 8.69
N PRO A 347 -21.20 -7.45 8.60
CA PRO A 347 -21.86 -7.93 9.82
C PRO A 347 -20.90 -8.72 10.74
N GLU A 348 -19.73 -9.09 10.21
CA GLU A 348 -18.74 -9.87 10.96
C GLU A 348 -17.64 -8.99 11.53
N SER A 349 -16.99 -9.48 12.58
CA SER A 349 -15.84 -8.81 13.17
C SER A 349 -14.65 -8.73 12.21
N PRO A 350 -13.73 -7.75 12.43
CA PRO A 350 -12.48 -7.65 11.68
C PRO A 350 -11.59 -8.90 11.74
N PHE A 351 -11.86 -9.78 12.72
CA PHE A 351 -11.12 -11.03 12.88
C PHE A 351 -11.76 -12.21 12.15
N VAL A 352 -12.97 -11.99 11.62
CA VAL A 352 -13.67 -13.01 10.85
C VAL A 352 -13.91 -12.52 9.41
N THR A 353 -14.66 -11.42 9.29
CA THR A 353 -14.91 -10.71 8.01
C THR A 353 -15.84 -11.47 7.04
N SER A 354 -16.37 -10.72 6.08
CA SER A 354 -17.21 -11.30 5.03
C SER A 354 -16.53 -11.17 3.66
N GLY A 355 -15.23 -10.88 3.67
CA GLY A 355 -14.55 -10.61 2.41
C GLY A 355 -13.13 -11.12 2.31
N ILE A 356 -12.63 -11.15 1.07
CA ILE A 356 -11.19 -11.32 0.83
C ILE A 356 -10.71 -10.19 -0.08
N ARG A 357 -9.54 -9.64 0.25
CA ARG A 357 -8.93 -8.62 -0.59
C ARG A 357 -7.89 -9.30 -1.50
N ILE A 358 -7.87 -8.87 -2.76
CA ILE A 358 -7.00 -9.44 -3.81
C ILE A 358 -6.39 -8.28 -4.62
N GLY A 359 -5.08 -8.34 -4.84
CA GLY A 359 -4.40 -7.37 -5.71
C GLY A 359 -3.54 -8.07 -6.75
N THR A 360 -3.24 -7.38 -7.86
CA THR A 360 -2.50 -7.98 -8.99
C THR A 360 -1.04 -7.51 -9.16
N ALA A 361 -0.60 -6.58 -8.33
CA ALA A 361 0.78 -6.05 -8.44
C ALA A 361 1.86 -7.15 -8.49
N ALA A 362 1.82 -8.08 -7.55
CA ALA A 362 2.82 -9.16 -7.45
C ALA A 362 2.84 -10.11 -8.65
N VAL A 363 1.68 -10.68 -8.98
CA VAL A 363 1.57 -11.59 -10.13
C VAL A 363 1.89 -10.92 -11.47
N THR A 364 1.58 -9.64 -11.59
CA THR A 364 1.92 -8.86 -12.80
C THR A 364 3.44 -8.73 -12.92
N THR A 365 4.11 -8.45 -11.81
CA THR A 365 5.58 -8.42 -11.77
C THR A 365 6.19 -9.74 -12.25
N ARG A 366 5.57 -10.85 -11.87
CA ARG A 366 5.98 -12.20 -12.30
C ARG A 366 5.72 -12.50 -13.78
N GLY A 367 5.04 -11.60 -14.46
CA GLY A 367 4.71 -11.78 -15.87
C GLY A 367 3.33 -12.31 -16.20
N PHE A 368 2.45 -12.41 -15.20
CA PHE A 368 1.08 -12.88 -15.42
C PHE A 368 0.28 -11.86 -16.25
N GLY A 369 -0.52 -12.38 -17.19
CA GLY A 369 -1.38 -11.55 -18.01
C GLY A 369 -2.85 -11.91 -17.88
N LEU A 370 -3.63 -11.56 -18.90
CA LEU A 370 -5.07 -11.73 -18.89
C LEU A 370 -5.52 -13.20 -18.80
N GLU A 371 -4.86 -14.08 -19.55
CA GLU A 371 -5.15 -15.51 -19.52
C GLU A 371 -4.94 -16.10 -18.13
N GLU A 372 -3.93 -15.59 -17.43
CA GLU A 372 -3.60 -16.05 -16.09
C GLU A 372 -4.65 -15.54 -15.12
N MET A 373 -5.18 -14.35 -15.38
CA MET A 373 -6.26 -13.78 -14.54
C MET A 373 -7.52 -14.65 -14.63
N ASP A 374 -7.88 -15.05 -15.85
CA ASP A 374 -9.01 -15.95 -16.07
C ASP A 374 -8.87 -17.26 -15.29
N GLU A 375 -7.67 -17.85 -15.36
CA GLU A 375 -7.39 -19.11 -14.68
C GLU A 375 -7.40 -18.95 -13.15
N ILE A 376 -6.79 -17.89 -12.64
CA ILE A 376 -6.81 -17.60 -11.20
C ILE A 376 -8.26 -17.48 -10.70
N ALA A 377 -9.09 -16.76 -11.46
CA ALA A 377 -10.51 -16.63 -11.14
C ALA A 377 -11.23 -17.98 -11.17
N ALA A 378 -10.89 -18.82 -12.15
CA ALA A 378 -11.48 -20.15 -12.28
C ALA A 378 -11.08 -21.04 -11.10
N ILE A 379 -9.82 -20.94 -10.67
CA ILE A 379 -9.34 -21.72 -9.53
C ILE A 379 -10.04 -21.29 -8.24
N ILE A 380 -10.16 -19.98 -8.05
CA ILE A 380 -10.87 -19.44 -6.87
C ILE A 380 -12.33 -19.91 -6.83
N GLY A 381 -13.00 -19.86 -7.98
CA GLY A 381 -14.36 -20.42 -8.10
C GLY A 381 -14.44 -21.91 -7.75
N LEU A 382 -13.55 -22.71 -8.33
CA LEU A 382 -13.43 -24.12 -7.99
C LEU A 382 -13.27 -24.38 -6.49
N VAL A 383 -12.36 -23.65 -5.84
CA VAL A 383 -12.10 -23.85 -4.42
C VAL A 383 -13.28 -23.41 -3.54
N LEU A 384 -13.76 -22.19 -3.75
CA LEU A 384 -14.77 -21.61 -2.85
C LEU A 384 -16.16 -22.23 -3.02
N LYS A 385 -16.39 -22.87 -4.16
CA LYS A 385 -17.67 -23.56 -4.41
C LYS A 385 -17.65 -25.02 -3.95
N ASN A 386 -16.49 -25.48 -3.47
CA ASN A 386 -16.26 -26.88 -3.13
C ASN A 386 -15.32 -27.01 -1.95
N VAL A 387 -15.55 -26.22 -0.90
CA VAL A 387 -14.65 -26.17 0.26
C VAL A 387 -14.54 -27.54 0.97
N GLY A 388 -15.51 -28.41 0.72
CA GLY A 388 -15.56 -29.73 1.38
C GLY A 388 -15.08 -30.89 0.54
N SER A 389 -14.61 -30.61 -0.67
CA SER A 389 -14.10 -31.65 -1.57
C SER A 389 -12.58 -31.60 -1.68
N GLU A 390 -11.92 -32.54 -1.03
CA GLU A 390 -10.47 -32.66 -1.11
C GLU A 390 -9.97 -32.89 -2.55
N GLN A 391 -10.78 -33.56 -3.37
CA GLN A 391 -10.40 -33.77 -4.76
C GLN A 391 -10.42 -32.47 -5.57
N ALA A 392 -11.38 -31.59 -5.27
CA ALA A 392 -11.45 -30.28 -5.91
C ALA A 392 -10.24 -29.42 -5.49
N LEU A 393 -9.86 -29.53 -4.23
CA LEU A 393 -8.73 -28.79 -3.69
C LEU A 393 -7.40 -29.25 -4.28
N GLU A 394 -7.26 -30.57 -4.45
CA GLU A 394 -6.11 -31.14 -5.15
C GLU A 394 -5.99 -30.68 -6.61
N GLU A 395 -7.11 -30.69 -7.34
CA GLU A 395 -7.15 -30.12 -8.69
C GLU A 395 -6.70 -28.66 -8.69
N ALA A 396 -7.25 -27.87 -7.77
CA ALA A 396 -6.86 -26.47 -7.61
C ALA A 396 -5.36 -26.36 -7.37
N ARG A 397 -4.85 -27.21 -6.47
CA ARG A 397 -3.43 -27.26 -6.12
C ARG A 397 -2.56 -27.49 -7.36
N GLN A 398 -2.97 -28.45 -8.19
CA GLN A 398 -2.26 -28.76 -9.43
C GLN A 398 -2.33 -27.63 -10.47
N ARG A 399 -3.47 -26.94 -10.54
CA ARG A 399 -3.64 -25.82 -11.45
C ARG A 399 -2.84 -24.59 -11.00
N VAL A 400 -2.70 -24.43 -9.68
CA VAL A 400 -1.82 -23.39 -9.12
C VAL A 400 -0.35 -23.64 -9.48
N ALA A 401 0.10 -24.89 -9.27
CA ALA A 401 1.44 -25.33 -9.65
C ALA A 401 1.73 -25.15 -11.14
N ALA A 402 0.74 -25.43 -11.98
CA ALA A 402 0.85 -25.21 -13.42
C ALA A 402 1.15 -23.74 -13.77
N LEU A 403 0.55 -22.82 -13.03
CA LEU A 403 0.73 -21.38 -13.23
C LEU A 403 2.10 -20.86 -12.79
N THR A 404 2.62 -21.38 -11.67
CA THR A 404 3.88 -20.89 -11.12
C THR A 404 5.08 -21.64 -11.71
N ASP A 405 4.79 -22.70 -12.47
CA ASP A 405 5.73 -23.37 -13.40
C ASP A 405 6.11 -24.79 -12.98
N GLY B . -0.63 -1.49 4.76
CA GLY B . -0.47 -2.94 4.69
C GLY B . -1.47 -3.66 3.80
O GLY B . -2.35 -3.06 3.19
OXT GLY B . -1.49 -5.15 3.58
N1 PLP C . -1.00 3.43 5.04
C2 PLP C . -1.65 2.66 4.11
C2A PLP C . -2.80 3.24 3.32
C3 PLP C . -1.21 1.35 3.89
O3 PLP C . -1.78 0.63 3.06
C4 PLP C . -0.15 0.81 4.60
C4A PLP C . 0.25 -0.61 4.25
C5 PLP C . 0.50 1.63 5.56
C6 PLP C . 0.06 2.92 5.77
C5A PLP C . 1.63 1.17 6.43
O4P PLP C . 3.00 1.05 6.04
P PLP C . 3.99 0.18 6.97
O1P PLP C . 4.05 0.88 8.27
O2P PLP C . 3.32 -1.14 7.08
O3P PLP C . 5.23 0.24 6.15
C1 MPD D . -19.35 -24.03 8.88
C2 MPD D . -18.24 -23.04 8.54
O2 MPD D . -17.19 -23.12 9.54
CM MPD D . -18.83 -21.64 8.56
C3 MPD D . -17.58 -23.38 7.20
C4 MPD D . -18.47 -23.26 5.97
O4 MPD D . -18.58 -21.90 5.62
C5 MPD D . -17.91 -24.07 4.81
P PO4 E . -3.38 -20.56 -19.22
O1 PO4 E . -2.34 -20.09 -20.19
O2 PO4 E . -3.18 -19.90 -17.88
O3 PO4 E . -3.30 -22.06 -19.06
O4 PO4 E . -4.76 -20.20 -19.76
#